data_5WUQ
#
_entry.id   5WUQ
#
_cell.length_a   63.462
_cell.length_b   64.206
_cell.length_c   138.374
_cell.angle_alpha   90.00
_cell.angle_beta   90.00
_cell.angle_gamma   90.00
#
_symmetry.space_group_name_H-M   'P 21 21 21'
#
loop_
_entity.id
_entity.type
_entity.pdbx_description
1 polymer 'ECF RNA polymerase sigma factor SigW'
2 polymer 'Anti-sigma-W factor RsiW'
3 non-polymer 'ZINC ION'
#
loop_
_entity_poly.entity_id
_entity_poly.type
_entity_poly.pdbx_seq_one_letter_code
_entity_poly.pdbx_strand_id
1 'polypeptide(L)'
;MEMMIKKRIKQVKKGDQDAFADIVDIYKDKIYQLCYRMLGNVHEAEDIAQEAFIRAYVNIDSFDINRKFSTWLYRIATNL
TIDRIRKKKPDYYLDAEVAGTEGLTMYSQIVADGVLPEDAVVSLELSNTIQQKILKLPDKYRTVIVLKYIDELSLIEIGE
ILNIPVGTVKTRIHRGREALRKQLRDL
;
A,B
2 'polypeptide(L)' MSCPEQIVQLMHMHLDGDILPKDEHVLNEHLETCEKCRKHFYEMEKSIALVRSTSHVEAPADFTANVMAKLPKEKKRASV C,D
#
loop_
_chem_comp.id
_chem_comp.type
_chem_comp.name
_chem_comp.formula
ZN non-polymer 'ZINC ION' 'Zn 2'
#
# COMPACT_ATOMS: atom_id res chain seq x y z
N GLU A 2 18.09 -11.32 7.43
CA GLU A 2 17.83 -12.62 6.74
C GLU A 2 18.98 -13.61 6.90
N MET A 3 18.71 -14.87 6.54
CA MET A 3 19.72 -15.94 6.55
C MET A 3 20.66 -15.74 5.35
N MET A 4 20.06 -15.56 4.18
CA MET A 4 20.74 -15.35 2.90
C MET A 4 21.74 -14.19 2.93
N ILE A 5 21.30 -13.01 3.37
CA ILE A 5 22.15 -11.81 3.36
C ILE A 5 23.37 -11.95 4.26
N LYS A 6 23.18 -12.45 5.48
CA LYS A 6 24.28 -12.72 6.39
C LYS A 6 25.33 -13.62 5.73
N LYS A 7 24.86 -14.65 5.03
CA LYS A 7 25.76 -15.56 4.33
C LYS A 7 26.54 -14.84 3.24
N ARG A 8 25.85 -14.00 2.46
CA ARG A 8 26.50 -13.10 1.50
C ARG A 8 27.52 -12.15 2.16
N ILE A 9 27.20 -11.62 3.34
CA ILE A 9 28.12 -10.74 4.09
C ILE A 9 29.38 -11.50 4.50
N LYS A 10 29.19 -12.72 4.99
CA LYS A 10 30.32 -13.58 5.35
C LYS A 10 31.27 -13.81 4.18
N GLN A 11 30.72 -14.00 2.97
CA GLN A 11 31.51 -14.13 1.73
C GLN A 11 32.28 -12.85 1.41
N VAL A 12 31.62 -11.71 1.58
CA VAL A 12 32.23 -10.41 1.27
C VAL A 12 33.47 -10.17 2.15
N LYS A 13 33.30 -10.34 3.45
CA LYS A 13 34.38 -10.19 4.45
C LYS A 13 35.62 -11.04 4.13
N LYS A 14 35.41 -12.25 3.60
CA LYS A 14 36.50 -13.19 3.29
C LYS A 14 37.17 -13.02 1.91
N GLY A 15 36.79 -12.00 1.13
CA GLY A 15 37.45 -11.69 -0.15
C GLY A 15 36.57 -11.70 -1.39
N ASP A 16 35.37 -12.31 -1.30
CA ASP A 16 34.47 -12.48 -2.46
C ASP A 16 33.72 -11.19 -2.76
N GLN A 17 34.26 -10.39 -3.68
CA GLN A 17 33.62 -9.14 -4.07
C GLN A 17 32.31 -9.31 -4.84
N ASP A 18 32.20 -10.36 -5.67
CA ASP A 18 30.98 -10.64 -6.44
C ASP A 18 29.75 -10.79 -5.56
N ALA A 19 29.93 -11.37 -4.36
CA ALA A 19 28.80 -11.65 -3.47
C ALA A 19 28.13 -10.39 -2.96
N PHE A 20 28.82 -9.25 -3.06
CA PHE A 20 28.22 -7.96 -2.76
C PHE A 20 27.08 -7.58 -3.72
N ALA A 21 27.19 -7.96 -4.99
CA ALA A 21 26.14 -7.68 -5.98
C ALA A 21 24.78 -8.16 -5.51
N ASP A 22 24.75 -9.29 -4.81
CA ASP A 22 23.51 -9.82 -4.25
C ASP A 22 22.94 -8.88 -3.20
N ILE A 23 23.82 -8.28 -2.39
CA ILE A 23 23.43 -7.28 -1.39
C ILE A 23 22.89 -6.04 -2.07
N VAL A 24 23.51 -5.60 -3.17
CA VAL A 24 23.01 -4.42 -3.89
C VAL A 24 21.61 -4.67 -4.49
N ASP A 25 21.44 -5.74 -5.28
CA ASP A 25 20.13 -6.12 -5.86
C ASP A 25 19.00 -6.16 -4.83
N ILE A 26 19.25 -6.79 -3.69
CA ILE A 26 18.22 -6.94 -2.64
C ILE A 26 17.71 -5.58 -2.12
N TYR A 27 18.60 -4.60 -1.99
CA TYR A 27 18.30 -3.30 -1.34
C TYR A 27 18.34 -2.06 -2.27
N LYS A 28 18.86 -2.19 -3.50
CA LYS A 28 18.95 -1.07 -4.43
C LYS A 28 17.70 -0.17 -4.50
N ASP A 29 16.52 -0.79 -4.63
CA ASP A 29 15.28 -0.06 -4.88
C ASP A 29 14.83 0.68 -3.63
N LYS A 30 14.91 0.01 -2.49
CA LYS A 30 14.63 0.64 -1.22
C LYS A 30 15.54 1.85 -0.90
N ILE A 31 16.84 1.70 -1.08
CA ILE A 31 17.81 2.77 -0.77
C ILE A 31 17.70 3.94 -1.74
N TYR A 32 17.67 3.68 -3.04
CA TYR A 32 17.43 4.73 -4.02
C TYR A 32 16.12 5.47 -3.78
N GLN A 33 15.07 4.73 -3.44
CA GLN A 33 13.78 5.33 -3.14
C GLN A 33 13.84 6.25 -1.93
N LEU A 34 14.63 5.86 -0.92
CA LEU A 34 14.77 6.67 0.28
C LEU A 34 15.45 8.00 -0.04
N CYS A 35 16.55 7.96 -0.76
CA CYS A 35 17.27 9.17 -1.14
C CYS A 35 16.49 10.05 -2.10
N TYR A 36 15.78 9.42 -3.04
CA TYR A 36 15.01 10.20 -3.99
C TYR A 36 13.84 10.93 -3.36
N ARG A 37 13.18 10.32 -2.38
CA ARG A 37 12.05 10.96 -1.71
C ARG A 37 12.52 11.97 -0.64
N MET A 38 13.75 11.83 -0.12
CA MET A 38 14.38 12.86 0.74
C MET A 38 14.90 14.09 0.00
N LEU A 39 15.40 13.88 -1.23
CA LEU A 39 16.08 14.90 -2.04
C LEU A 39 15.24 15.45 -3.18
N GLY A 40 14.45 14.60 -3.82
CA GLY A 40 13.50 15.03 -4.84
C GLY A 40 14.13 15.32 -6.19
N ASN A 41 15.31 14.75 -6.40
CA ASN A 41 16.11 15.03 -7.58
C ASN A 41 16.86 13.75 -7.94
N VAL A 42 16.61 13.26 -9.14
CA VAL A 42 17.13 11.97 -9.65
C VAL A 42 18.66 11.90 -9.63
N HIS A 43 19.32 13.01 -9.95
CA HIS A 43 20.77 13.03 -10.11
C HIS A 43 21.49 12.88 -8.75
N GLU A 44 21.06 13.63 -7.74
CA GLU A 44 21.64 13.52 -6.39
C GLU A 44 21.22 12.22 -5.68
N ALA A 45 20.06 11.68 -6.05
CA ALA A 45 19.55 10.42 -5.47
C ALA A 45 20.42 9.24 -5.86
N GLU A 46 20.63 9.04 -7.17
CA GLU A 46 21.50 7.95 -7.66
C GLU A 46 22.91 8.08 -7.08
N ASP A 47 23.37 9.31 -6.92
CA ASP A 47 24.72 9.58 -6.41
C ASP A 47 24.89 9.13 -4.96
N ILE A 48 23.96 9.57 -4.11
CA ILE A 48 24.00 9.29 -2.68
C ILE A 48 23.64 7.83 -2.40
N ALA A 49 22.72 7.25 -3.16
CA ALA A 49 22.42 5.82 -3.08
C ALA A 49 23.63 4.94 -3.42
N GLN A 50 24.40 5.35 -4.44
CA GLN A 50 25.66 4.66 -4.76
C GLN A 50 26.68 4.81 -3.65
N GLU A 51 26.89 6.03 -3.18
CA GLU A 51 27.84 6.32 -2.11
C GLU A 51 27.53 5.46 -0.86
N ALA A 52 26.26 5.31 -0.52
CA ALA A 52 25.84 4.50 0.62
C ALA A 52 26.31 3.04 0.50
N PHE A 53 26.11 2.44 -0.67
CA PHE A 53 26.55 1.06 -0.95
C PHE A 53 28.06 0.93 -1.01
N ILE A 54 28.74 1.88 -1.66
CA ILE A 54 30.21 1.88 -1.68
C ILE A 54 30.75 2.02 -0.26
N ARG A 55 30.23 2.97 0.51
CA ARG A 55 30.63 3.11 1.90
C ARG A 55 30.33 1.86 2.69
N ALA A 56 29.20 1.21 2.40
CA ALA A 56 28.84 -0.06 3.06
C ALA A 56 29.91 -1.14 2.83
N TYR A 57 30.35 -1.29 1.58
CA TYR A 57 31.42 -2.23 1.25
C TYR A 57 32.74 -1.90 1.96
N VAL A 58 33.16 -0.64 1.84
CA VAL A 58 34.41 -0.14 2.47
C VAL A 58 34.47 -0.47 3.97
N ASN A 59 33.35 -0.27 4.67
CA ASN A 59 33.28 -0.49 6.11
C ASN A 59 32.66 -1.83 6.53
N ILE A 60 32.59 -2.79 5.61
CA ILE A 60 31.89 -4.05 5.88
C ILE A 60 32.47 -4.79 7.11
N ASP A 61 33.79 -4.72 7.32
CA ASP A 61 34.43 -5.41 8.47
C ASP A 61 34.00 -4.79 9.81
N SER A 62 33.75 -3.49 9.81
CA SER A 62 33.17 -2.77 10.97
C SER A 62 31.75 -3.22 11.39
N PHE A 63 31.00 -3.81 10.46
CA PHE A 63 29.61 -4.22 10.71
C PHE A 63 29.57 -5.38 11.69
N ASP A 64 28.76 -5.24 12.73
CA ASP A 64 28.53 -6.32 13.67
C ASP A 64 27.57 -7.33 13.02
N ILE A 65 28.08 -8.53 12.76
CA ILE A 65 27.32 -9.62 12.13
C ILE A 65 26.02 -10.00 12.88
N ASN A 66 25.97 -9.77 14.19
CA ASN A 66 24.83 -10.16 15.01
C ASN A 66 23.62 -9.23 14.88
N ARG A 67 23.86 -7.95 14.60
CA ARG A 67 22.78 -6.99 14.39
C ARG A 67 22.21 -7.11 12.97
N LYS A 68 21.11 -6.40 12.70
CA LYS A 68 20.48 -6.43 11.37
C LYS A 68 21.26 -5.50 10.41
N PHE A 69 21.50 -6.01 9.20
CA PHE A 69 22.28 -5.33 8.18
C PHE A 69 21.54 -4.17 7.52
N SER A 70 20.25 -4.34 7.28
CA SER A 70 19.49 -3.31 6.58
C SER A 70 19.46 -2.04 7.43
N THR A 71 19.19 -2.21 8.72
CA THR A 71 19.25 -1.13 9.70
C THR A 71 20.56 -0.36 9.61
N TRP A 72 21.69 -1.08 9.49
CA TRP A 72 23.01 -0.49 9.28
C TRP A 72 23.08 0.28 7.98
N LEU A 73 22.64 -0.33 6.90
CA LEU A 73 22.71 0.28 5.56
C LEU A 73 21.84 1.51 5.42
N TYR A 74 20.61 1.45 5.94
CA TYR A 74 19.73 2.63 6.06
C TYR A 74 20.37 3.80 6.83
N ARG A 75 21.05 3.50 7.94
CA ARG A 75 21.71 4.53 8.74
C ARG A 75 22.73 5.27 7.88
N ILE A 76 23.56 4.52 7.15
CA ILE A 76 24.50 5.12 6.20
C ILE A 76 23.79 6.03 5.18
N ALA A 77 22.75 5.52 4.53
CA ALA A 77 21.99 6.30 3.53
C ALA A 77 21.26 7.51 4.10
N THR A 78 20.72 7.37 5.29
CA THR A 78 20.03 8.48 5.94
C THR A 78 21.02 9.62 6.28
N ASN A 79 22.21 9.26 6.76
CA ASN A 79 23.24 10.23 7.13
C ASN A 79 23.85 10.93 5.93
N LEU A 80 23.96 10.23 4.81
CA LEU A 80 24.37 10.89 3.55
C LEU A 80 23.33 11.90 3.04
N THR A 81 22.03 11.57 3.13
CA THR A 81 21.00 12.46 2.57
C THR A 81 20.74 13.65 3.49
N ILE A 82 20.72 13.42 4.81
CA ILE A 82 20.60 14.50 5.79
C ILE A 82 21.72 15.51 5.60
N ASP A 83 22.95 15.00 5.52
CA ASP A 83 24.11 15.81 5.26
C ASP A 83 23.98 16.63 3.97
N ARG A 84 23.45 16.03 2.90
CA ARG A 84 23.31 16.76 1.62
C ARG A 84 22.25 17.85 1.71
N ILE A 85 21.08 17.50 2.26
CA ILE A 85 19.96 18.44 2.52
C ILE A 85 20.48 19.68 3.26
N ARG A 86 21.31 19.47 4.27
CA ARG A 86 21.85 20.58 5.04
C ARG A 86 22.88 21.41 4.26
N LYS A 87 23.78 20.74 3.53
CA LYS A 87 24.73 21.40 2.60
C LYS A 87 24.08 22.38 1.63
N LYS A 88 22.91 22.02 1.10
CA LYS A 88 22.16 22.87 0.16
C LYS A 88 21.77 24.22 0.73
N LYS A 89 21.25 24.19 1.96
CA LYS A 89 20.91 25.42 2.71
C LYS A 89 22.06 26.46 2.57
N PRO A 90 21.82 27.59 1.84
CA PRO A 90 22.91 28.52 1.46
C PRO A 90 23.83 29.00 2.59
N ASP A 91 23.28 29.18 3.80
CA ASP A 91 24.05 29.64 4.98
C ASP A 91 24.73 28.53 5.84
N TYR A 92 24.92 27.32 5.29
CA TYR A 92 25.45 26.21 6.07
C TYR A 92 26.88 26.46 6.55
N TYR A 93 27.80 26.76 5.64
CA TYR A 93 29.22 26.94 6.04
C TYR A 93 29.52 28.27 6.75
N LEU A 94 28.54 29.17 6.84
CA LEU A 94 28.67 30.36 7.70
C LEU A 94 28.71 30.00 9.19
N ASP A 95 27.96 28.95 9.58
CA ASP A 95 27.93 28.46 10.96
C ASP A 95 27.88 26.93 10.99
N LEU A 124 0.80 19.87 -11.68
CA LEU A 124 -0.43 19.10 -11.51
C LEU A 124 -0.25 17.60 -11.90
N GLU A 125 0.95 17.03 -11.70
CA GLU A 125 1.12 15.54 -11.65
C GLU A 125 1.16 15.10 -10.18
N LEU A 126 0.49 13.99 -9.86
CA LEU A 126 0.18 13.67 -8.46
C LEU A 126 1.39 13.42 -7.60
N SER A 127 2.21 12.44 -7.95
CA SER A 127 3.30 12.05 -7.06
C SER A 127 4.44 13.09 -7.04
N ASN A 128 4.63 13.84 -8.14
CA ASN A 128 5.58 14.97 -8.16
C ASN A 128 5.11 16.11 -7.28
N THR A 129 3.80 16.34 -7.24
CA THR A 129 3.20 17.27 -6.28
C THR A 129 3.37 16.79 -4.81
N ILE A 130 3.16 15.49 -4.55
CA ILE A 130 3.47 14.94 -3.23
C ILE A 130 4.93 15.21 -2.97
N GLN A 131 5.78 14.81 -3.91
CA GLN A 131 7.22 14.92 -3.76
C GLN A 131 7.67 16.30 -3.37
N GLN A 132 7.20 17.31 -4.09
CA GLN A 132 7.58 18.69 -3.80
C GLN A 132 7.08 19.14 -2.44
N LYS A 133 5.94 18.62 -2.02
CA LYS A 133 5.41 18.85 -0.67
C LYS A 133 6.19 18.09 0.43
N ILE A 134 6.78 16.94 0.10
CA ILE A 134 7.68 16.20 1.05
C ILE A 134 8.92 17.08 1.38
N LEU A 135 9.43 17.81 0.38
CA LEU A 135 10.61 18.66 0.56
C LEU A 135 10.39 19.90 1.41
N LYS A 136 9.13 20.32 1.60
CA LYS A 136 8.80 21.42 2.53
C LYS A 136 8.70 20.99 4.01
N LEU A 137 9.13 19.77 4.33
CA LEU A 137 9.24 19.33 5.72
C LEU A 137 10.68 19.40 6.20
N PRO A 138 10.91 19.87 7.45
CA PRO A 138 12.27 19.84 8.01
C PRO A 138 12.82 18.42 8.03
N ASP A 139 14.11 18.26 7.81
CA ASP A 139 14.72 16.94 7.62
C ASP A 139 14.39 15.93 8.74
N LYS A 140 14.24 16.40 9.98
CA LYS A 140 13.92 15.54 11.12
C LYS A 140 12.49 14.98 11.07
N TYR A 141 11.55 15.70 10.46
CA TYR A 141 10.21 15.14 10.19
C TYR A 141 10.12 14.42 8.83
N ARG A 142 10.79 14.93 7.80
CA ARG A 142 10.86 14.27 6.49
C ARG A 142 11.37 12.82 6.54
N THR A 143 12.43 12.61 7.31
CA THR A 143 13.03 11.30 7.50
C THR A 143 12.02 10.26 8.01
N VAL A 144 11.34 10.59 9.11
CA VAL A 144 10.44 9.63 9.76
C VAL A 144 9.20 9.36 8.90
N ILE A 145 8.70 10.38 8.19
CA ILE A 145 7.56 10.20 7.30
C ILE A 145 7.91 9.28 6.14
N VAL A 146 9.05 9.51 5.51
CA VAL A 146 9.50 8.64 4.43
C VAL A 146 9.73 7.21 4.93
N LEU A 147 10.47 7.03 6.02
CA LEU A 147 10.72 5.69 6.55
C LEU A 147 9.44 4.95 7.04
N LYS A 148 8.52 5.67 7.69
CA LYS A 148 7.29 5.07 8.20
C LYS A 148 6.23 4.83 7.12
N TYR A 149 6.02 5.80 6.23
CA TYR A 149 4.89 5.78 5.26
C TYR A 149 5.22 5.43 3.83
N ILE A 150 6.45 5.66 3.36
CA ILE A 150 6.88 5.23 2.04
C ILE A 150 7.58 3.89 2.14
N ASP A 151 8.53 3.77 3.07
CA ASP A 151 9.35 2.56 3.20
C ASP A 151 8.76 1.51 4.16
N GLU A 152 7.69 1.85 4.87
CA GLU A 152 7.00 0.97 5.81
C GLU A 152 7.89 0.21 6.83
N LEU A 153 8.72 0.96 7.55
CA LEU A 153 9.48 0.45 8.71
C LEU A 153 8.71 0.60 10.04
N SER A 154 9.14 -0.13 11.05
CA SER A 154 8.63 0.01 12.41
C SER A 154 9.23 1.21 13.14
N LEU A 155 8.56 1.70 14.17
CA LEU A 155 9.12 2.76 15.05
C LEU A 155 10.44 2.30 15.68
N ILE A 156 10.50 1.03 16.06
CA ILE A 156 11.68 0.48 16.72
C ILE A 156 12.86 0.54 15.74
N GLU A 157 12.65 0.15 14.48
CA GLU A 157 13.74 0.20 13.48
C GLU A 157 14.11 1.62 13.05
N ILE A 158 13.13 2.52 12.96
CA ILE A 158 13.40 3.92 12.65
C ILE A 158 14.28 4.55 13.73
N GLY A 159 13.97 4.27 14.99
CA GLY A 159 14.81 4.70 16.12
C GLY A 159 16.24 4.21 16.00
N GLU A 160 16.39 2.93 15.73
CA GLU A 160 17.70 2.33 15.56
C GLU A 160 18.49 3.06 14.45
N ILE A 161 17.83 3.25 13.31
CA ILE A 161 18.46 3.93 12.16
C ILE A 161 18.89 5.37 12.53
N LEU A 162 18.01 6.12 13.20
CA LEU A 162 18.28 7.52 13.56
C LEU A 162 18.97 7.72 14.91
N ASN A 163 19.14 6.64 15.67
CA ASN A 163 19.80 6.67 16.99
C ASN A 163 19.07 7.61 17.94
N ILE A 164 17.75 7.44 18.02
CA ILE A 164 16.90 8.19 18.93
C ILE A 164 15.89 7.23 19.57
N PRO A 165 15.38 7.55 20.78
CA PRO A 165 14.41 6.65 21.42
C PRO A 165 13.10 6.50 20.65
N VAL A 166 12.43 5.37 20.87
CA VAL A 166 11.14 5.07 20.24
C VAL A 166 10.13 6.21 20.52
N GLY A 167 10.15 6.74 21.74
CA GLY A 167 9.33 7.89 22.12
C GLY A 167 9.52 9.08 21.21
N THR A 168 10.78 9.43 20.94
CA THR A 168 11.11 10.60 20.14
C THR A 168 10.67 10.43 18.71
N VAL A 169 10.82 9.23 18.15
CA VAL A 169 10.36 8.98 16.77
C VAL A 169 8.85 9.11 16.68
N LYS A 170 8.11 8.59 17.66
CA LYS A 170 6.65 8.76 17.71
C LYS A 170 6.25 10.23 17.64
N THR A 171 6.91 11.04 18.45
CA THR A 171 6.68 12.48 18.48
C THR A 171 6.96 13.13 17.13
N ARG A 172 8.06 12.75 16.49
CA ARG A 172 8.39 13.32 15.19
C ARG A 172 7.39 12.97 14.13
N ILE A 173 6.86 11.74 14.18
CA ILE A 173 5.82 11.31 13.25
C ILE A 173 4.54 12.14 13.47
N HIS A 174 4.15 12.35 14.73
CA HIS A 174 2.97 13.17 15.03
C HIS A 174 3.12 14.58 14.46
N ARG A 175 4.34 15.12 14.52
CA ARG A 175 4.62 16.46 14.00
C ARG A 175 4.67 16.44 12.47
N GLY A 176 5.29 15.40 11.92
CA GLY A 176 5.32 15.19 10.48
C GLY A 176 3.96 15.03 9.86
N ARG A 177 3.11 14.19 10.45
CA ARG A 177 1.72 14.06 10.01
C ARG A 177 0.98 15.42 10.01
N GLU A 178 1.25 16.25 11.00
CA GLU A 178 0.63 17.58 11.13
C GLU A 178 1.19 18.56 10.11
N ALA A 179 2.50 18.51 9.88
CA ALA A 179 3.13 19.31 8.84
C ALA A 179 2.65 18.90 7.47
N LEU A 180 2.57 17.58 7.25
CA LEU A 180 2.10 16.95 6.01
C LEU A 180 0.66 17.34 5.65
N ARG A 181 -0.23 17.31 6.65
CA ARG A 181 -1.62 17.79 6.56
C ARG A 181 -1.80 19.19 6.00
N LYS A 182 -0.96 20.13 6.44
CA LYS A 182 -1.00 21.50 5.93
C LYS A 182 -0.68 21.54 4.44
N GLN A 183 0.28 20.71 4.02
CA GLN A 183 0.74 20.66 2.62
C GLN A 183 -0.20 19.93 1.66
N LEU A 184 -0.80 18.81 2.11
CA LEU A 184 -1.48 17.86 1.20
C LEU A 184 -3.02 17.84 1.20
N ARG A 185 -3.64 18.37 2.25
CA ARG A 185 -5.12 18.42 2.35
C ARG A 185 -5.83 18.95 1.09
N ASP A 186 -5.22 19.91 0.40
CA ASP A 186 -5.86 20.60 -0.73
C ASP A 186 -5.67 19.92 -2.09
N LEU A 187 -4.94 18.81 -2.12
CA LEU A 187 -4.76 18.06 -3.37
C LEU A 187 -6.05 17.36 -3.82
N MET B 3 1.86 -27.24 1.67
CA MET B 3 0.98 -26.19 2.28
C MET B 3 0.02 -26.77 3.31
N MET B 4 -0.03 -26.12 4.48
CA MET B 4 -0.96 -26.43 5.56
C MET B 4 -2.39 -26.54 5.05
N ILE B 5 -2.81 -25.50 4.31
CA ILE B 5 -4.18 -25.35 3.81
C ILE B 5 -4.68 -26.58 3.00
N LYS B 6 -3.76 -27.18 2.24
CA LYS B 6 -4.05 -28.38 1.46
C LYS B 6 -4.32 -29.59 2.34
N LYS B 7 -3.51 -29.76 3.38
CA LYS B 7 -3.65 -30.87 4.32
C LYS B 7 -4.94 -30.73 5.16
N ARG B 8 -5.29 -29.52 5.54
CA ARG B 8 -6.55 -29.27 6.27
C ARG B 8 -7.78 -29.71 5.47
N ILE B 9 -7.72 -29.53 4.14
CA ILE B 9 -8.77 -29.99 3.21
C ILE B 9 -8.88 -31.52 3.24
N LYS B 10 -7.78 -32.18 2.89
CA LYS B 10 -7.69 -33.67 2.91
C LYS B 10 -8.28 -34.28 4.19
N GLN B 11 -8.07 -33.60 5.32
CA GLN B 11 -8.64 -33.98 6.62
C GLN B 11 -10.14 -33.68 6.77
N VAL B 12 -10.59 -32.54 6.25
CA VAL B 12 -12.03 -32.20 6.23
C VAL B 12 -12.84 -33.24 5.45
N LYS B 13 -12.27 -33.71 4.34
CA LYS B 13 -12.91 -34.71 3.47
C LYS B 13 -12.97 -36.11 4.13
N LYS B 14 -12.03 -36.41 5.02
CA LYS B 14 -12.07 -37.65 5.80
C LYS B 14 -13.16 -37.66 6.88
N GLY B 15 -13.28 -36.57 7.65
CA GLY B 15 -14.19 -36.52 8.81
C GLY B 15 -14.04 -35.41 9.84
N ASP B 16 -12.84 -34.85 10.00
CA ASP B 16 -12.56 -33.79 10.98
C ASP B 16 -13.19 -32.47 10.53
N GLN B 17 -14.41 -32.22 11.00
CA GLN B 17 -15.13 -30.97 10.70
C GLN B 17 -14.43 -29.75 11.31
N ASP B 18 -13.92 -29.89 12.52
CA ASP B 18 -13.19 -28.81 13.22
C ASP B 18 -11.93 -28.33 12.49
N ALA B 19 -11.38 -29.14 11.58
CA ALA B 19 -10.27 -28.73 10.73
C ALA B 19 -10.63 -27.53 9.84
N PHE B 20 -11.90 -27.44 9.44
CA PHE B 20 -12.39 -26.32 8.62
C PHE B 20 -12.32 -24.96 9.35
N ALA B 21 -12.27 -24.98 10.68
CA ALA B 21 -12.10 -23.75 11.47
C ALA B 21 -10.77 -23.06 11.17
N ASP B 22 -9.72 -23.87 11.01
CA ASP B 22 -8.39 -23.33 10.71
C ASP B 22 -8.32 -22.80 9.27
N ILE B 23 -8.91 -23.51 8.31
CA ILE B 23 -9.03 -22.98 6.93
C ILE B 23 -9.95 -21.74 6.85
N VAL B 24 -10.94 -21.63 7.73
CA VAL B 24 -11.72 -20.39 7.86
C VAL B 24 -10.85 -19.24 8.43
N ASP B 25 -10.05 -19.55 9.46
CA ASP B 25 -9.14 -18.57 10.12
C ASP B 25 -8.30 -17.74 9.16
N ILE B 26 -7.66 -18.36 8.18
CA ILE B 26 -6.77 -17.63 7.27
C ILE B 26 -7.56 -16.66 6.38
N TYR B 27 -8.64 -17.16 5.79
CA TYR B 27 -9.33 -16.38 4.77
C TYR B 27 -10.41 -15.45 5.29
N LYS B 28 -10.85 -15.63 6.54
CA LYS B 28 -11.96 -14.82 7.09
C LYS B 28 -11.87 -13.30 6.85
N ASP B 29 -10.67 -12.73 6.82
CA ASP B 29 -10.46 -11.29 6.71
C ASP B 29 -10.53 -10.83 5.28
N LYS B 30 -9.83 -11.55 4.40
CA LYS B 30 -9.91 -11.32 2.96
C LYS B 30 -11.36 -11.43 2.46
N ILE B 31 -12.05 -12.49 2.84
CA ILE B 31 -13.40 -12.73 2.38
C ILE B 31 -14.38 -11.70 2.96
N TYR B 32 -14.35 -11.46 4.26
CA TYR B 32 -15.24 -10.46 4.86
C TYR B 32 -15.00 -9.04 4.33
N GLN B 33 -13.73 -8.70 4.10
CA GLN B 33 -13.38 -7.45 3.44
C GLN B 33 -13.99 -7.37 2.05
N LEU B 34 -13.87 -8.45 1.28
CA LEU B 34 -14.39 -8.46 -0.09
C LEU B 34 -15.89 -8.19 -0.04
N CYS B 35 -16.60 -9.00 0.72
CA CYS B 35 -18.03 -8.81 0.94
C CYS B 35 -18.40 -7.40 1.45
N TYR B 36 -17.67 -6.88 2.42
CA TYR B 36 -17.95 -5.54 2.97
C TYR B 36 -17.68 -4.41 1.97
N ARG B 37 -16.56 -4.48 1.27
CA ARG B 37 -16.24 -3.47 0.26
C ARG B 37 -17.21 -3.51 -0.95
N MET B 38 -17.77 -4.67 -1.26
CA MET B 38 -18.77 -4.82 -2.33
C MET B 38 -20.19 -4.37 -1.92
N LEU B 39 -20.60 -4.73 -0.70
CA LEU B 39 -21.96 -4.48 -0.22
C LEU B 39 -22.09 -3.18 0.58
N GLY B 40 -21.09 -2.86 1.39
CA GLY B 40 -21.01 -1.56 2.08
C GLY B 40 -21.67 -1.43 3.45
N ASN B 41 -22.20 -2.52 3.99
CA ASN B 41 -22.78 -2.52 5.33
C ASN B 41 -22.42 -3.82 6.04
N VAL B 42 -22.31 -3.75 7.35
CA VAL B 42 -21.85 -4.88 8.16
C VAL B 42 -22.82 -6.06 8.11
N HIS B 43 -24.10 -5.77 7.93
CA HIS B 43 -25.13 -6.77 8.12
C HIS B 43 -25.06 -7.83 7.01
N GLU B 44 -25.06 -7.39 5.76
CA GLU B 44 -25.02 -8.32 4.61
C GLU B 44 -23.63 -8.91 4.36
N ALA B 45 -22.60 -8.09 4.53
CA ALA B 45 -21.22 -8.57 4.39
C ALA B 45 -20.96 -9.73 5.32
N GLU B 46 -21.31 -9.56 6.60
CA GLU B 46 -21.16 -10.62 7.60
C GLU B 46 -21.92 -11.88 7.21
N ASP B 47 -23.16 -11.72 6.75
CA ASP B 47 -23.98 -12.87 6.36
C ASP B 47 -23.47 -13.56 5.10
N ILE B 48 -23.07 -12.77 4.11
CA ILE B 48 -22.61 -13.29 2.82
C ILE B 48 -21.22 -13.92 2.92
N ALA B 49 -20.33 -13.33 3.71
CA ALA B 49 -19.03 -13.93 4.01
C ALA B 49 -19.18 -15.31 4.70
N GLN B 50 -20.09 -15.40 5.67
CA GLN B 50 -20.39 -16.67 6.33
C GLN B 50 -20.99 -17.66 5.33
N GLU B 51 -21.96 -17.18 4.54
CA GLU B 51 -22.58 -17.96 3.47
C GLU B 51 -21.50 -18.51 2.54
N ALA B 52 -20.52 -17.68 2.20
CA ALA B 52 -19.40 -18.14 1.38
C ALA B 52 -18.67 -19.35 1.97
N PHE B 53 -18.36 -19.32 3.27
CA PHE B 53 -17.61 -20.43 3.90
C PHE B 53 -18.42 -21.70 4.08
N ILE B 54 -19.70 -21.55 4.43
CA ILE B 54 -20.61 -22.70 4.58
C ILE B 54 -20.75 -23.47 3.24
N ARG B 55 -20.85 -22.74 2.14
CA ARG B 55 -20.96 -23.37 0.82
C ARG B 55 -19.64 -23.97 0.34
N ALA B 56 -18.52 -23.42 0.77
CA ALA B 56 -17.19 -24.01 0.49
C ALA B 56 -17.05 -25.38 1.17
N TYR B 57 -17.55 -25.49 2.39
CA TYR B 57 -17.53 -26.76 3.13
C TYR B 57 -18.37 -27.79 2.42
N VAL B 58 -19.60 -27.43 2.10
CA VAL B 58 -20.57 -28.35 1.50
C VAL B 58 -20.10 -28.84 0.13
N ASN B 59 -19.29 -28.05 -0.58
CA ASN B 59 -18.84 -28.41 -1.92
C ASN B 59 -17.38 -28.80 -2.02
N ILE B 60 -16.72 -29.01 -0.87
CA ILE B 60 -15.26 -29.21 -0.83
C ILE B 60 -14.76 -30.42 -1.65
N ASP B 61 -15.60 -31.45 -1.82
CA ASP B 61 -15.26 -32.63 -2.65
C ASP B 61 -15.15 -32.28 -4.15
N SER B 62 -15.95 -31.31 -4.61
CA SER B 62 -15.86 -30.84 -6.00
C SER B 62 -14.62 -29.98 -6.27
N PHE B 63 -13.99 -29.45 -5.22
CA PHE B 63 -12.75 -28.66 -5.34
C PHE B 63 -11.56 -29.51 -5.81
N ASP B 64 -10.89 -29.02 -6.84
CA ASP B 64 -9.77 -29.70 -7.47
C ASP B 64 -8.51 -29.39 -6.66
N ILE B 65 -7.81 -30.45 -6.26
CA ILE B 65 -6.72 -30.36 -5.29
C ILE B 65 -5.42 -29.80 -5.90
N ASN B 66 -5.28 -29.89 -7.23
CA ASN B 66 -4.16 -29.25 -7.94
C ASN B 66 -4.31 -27.74 -8.10
N ARG B 67 -5.55 -27.23 -8.09
CA ARG B 67 -5.82 -25.80 -8.22
C ARG B 67 -5.55 -25.05 -6.91
N LYS B 68 -5.57 -23.72 -6.97
CA LYS B 68 -5.44 -22.87 -5.78
C LYS B 68 -6.81 -22.67 -5.12
N PHE B 69 -6.86 -22.94 -3.81
CA PHE B 69 -8.11 -22.86 -3.03
C PHE B 69 -8.66 -21.44 -2.88
N SER B 70 -7.74 -20.48 -2.71
CA SER B 70 -8.09 -19.06 -2.67
C SER B 70 -9.03 -18.69 -3.79
N THR B 71 -8.58 -18.96 -5.01
CA THR B 71 -9.32 -18.60 -6.20
C THR B 71 -10.71 -19.19 -6.16
N TRP B 72 -10.82 -20.44 -5.74
CA TRP B 72 -12.09 -21.14 -5.65
C TRP B 72 -13.02 -20.46 -4.63
N LEU B 73 -12.47 -20.12 -3.46
CA LEU B 73 -13.23 -19.50 -2.39
C LEU B 73 -13.68 -18.11 -2.77
N TYR B 74 -12.76 -17.35 -3.37
CA TYR B 74 -13.05 -16.01 -3.92
C TYR B 74 -14.18 -16.04 -4.95
N ARG B 75 -14.16 -17.01 -5.85
CA ARG B 75 -15.23 -17.18 -6.84
C ARG B 75 -16.60 -17.35 -6.16
N ILE B 76 -16.70 -18.24 -5.17
CA ILE B 76 -17.96 -18.40 -4.40
C ILE B 76 -18.42 -17.05 -3.81
N ALA B 77 -17.51 -16.37 -3.11
CA ALA B 77 -17.86 -15.15 -2.37
C ALA B 77 -18.31 -14.04 -3.29
N THR B 78 -17.58 -13.88 -4.38
CA THR B 78 -17.86 -12.89 -5.41
C THR B 78 -19.24 -13.15 -6.07
N ASN B 79 -19.51 -14.42 -6.38
CA ASN B 79 -20.81 -14.80 -6.95
C ASN B 79 -21.95 -14.57 -5.96
N LEU B 80 -21.74 -14.86 -4.69
CA LEU B 80 -22.76 -14.55 -3.72
C LEU B 80 -22.99 -13.06 -3.60
N THR B 81 -21.92 -12.26 -3.68
CA THR B 81 -22.07 -10.81 -3.52
C THR B 81 -22.71 -10.19 -4.74
N ILE B 82 -22.25 -10.55 -5.94
CA ILE B 82 -22.90 -10.11 -7.19
C ILE B 82 -24.40 -10.41 -7.16
N ASP B 83 -24.74 -11.62 -6.73
CA ASP B 83 -26.11 -12.08 -6.65
C ASP B 83 -26.95 -11.17 -5.78
N ARG B 84 -26.45 -10.83 -4.61
CA ARG B 84 -27.18 -9.95 -3.70
C ARG B 84 -27.31 -8.53 -4.27
N ILE B 85 -26.23 -8.02 -4.87
CA ILE B 85 -26.22 -6.66 -5.43
C ILE B 85 -27.27 -6.52 -6.52
N ARG B 86 -27.30 -7.48 -7.44
CA ARG B 86 -28.28 -7.51 -8.53
C ARG B 86 -29.73 -7.67 -8.05
N LYS B 87 -29.92 -8.49 -7.01
CA LYS B 87 -31.27 -8.77 -6.49
C LYS B 87 -31.85 -7.66 -5.63
N LYS B 88 -31.01 -6.78 -5.09
CA LYS B 88 -31.52 -5.57 -4.40
C LYS B 88 -32.09 -4.52 -5.36
N LYS B 89 -31.82 -4.64 -6.66
CA LYS B 89 -32.52 -3.82 -7.65
C LYS B 89 -34.02 -4.18 -7.63
N PRO B 90 -34.90 -3.18 -7.44
CA PRO B 90 -36.35 -3.47 -7.42
C PRO B 90 -36.96 -4.11 -8.69
N ASP B 91 -36.27 -4.06 -9.83
CA ASP B 91 -36.79 -4.60 -11.11
C ASP B 91 -36.12 -5.90 -11.61
N TYR B 92 -35.39 -6.60 -10.73
CA TYR B 92 -34.62 -7.80 -11.14
C TYR B 92 -35.46 -8.97 -11.67
N TYR B 93 -36.63 -9.22 -11.09
CA TYR B 93 -37.46 -10.38 -11.49
C TYR B 93 -38.47 -10.11 -12.63
N LEU B 94 -38.46 -8.92 -13.20
CA LEU B 94 -39.32 -8.58 -14.35
C LEU B 94 -38.92 -9.34 -15.61
N GLU B 125 -15.03 10.12 8.69
CA GLU B 125 -14.05 9.10 8.29
C GLU B 125 -13.82 9.11 6.77
N LEU B 126 -12.55 9.09 6.35
CA LEU B 126 -12.21 9.08 4.93
C LEU B 126 -12.65 7.78 4.26
N SER B 127 -12.39 6.65 4.92
CA SER B 127 -12.78 5.34 4.39
C SER B 127 -14.26 5.23 4.08
N ASN B 128 -15.10 5.70 5.01
CA ASN B 128 -16.56 5.65 4.81
C ASN B 128 -17.04 6.44 3.60
N THR B 129 -16.40 7.56 3.31
CA THR B 129 -16.71 8.32 2.10
C THR B 129 -16.35 7.53 0.84
N ILE B 130 -15.17 6.90 0.84
CA ILE B 130 -14.68 6.14 -0.32
C ILE B 130 -15.60 4.94 -0.57
N GLN B 131 -16.00 4.26 0.51
CA GLN B 131 -16.93 3.12 0.44
C GLN B 131 -18.26 3.50 -0.19
N GLN B 132 -18.91 4.56 0.30
CA GLN B 132 -20.13 5.10 -0.31
C GLN B 132 -19.98 5.29 -1.83
N LYS B 133 -18.85 5.84 -2.22
CA LYS B 133 -18.55 6.11 -3.63
C LYS B 133 -18.29 4.82 -4.44
N ILE B 134 -17.65 3.81 -3.82
CA ILE B 134 -17.50 2.46 -4.40
C ILE B 134 -18.86 1.81 -4.72
N LEU B 135 -19.86 2.06 -3.87
CA LEU B 135 -21.21 1.51 -4.08
C LEU B 135 -21.95 2.14 -5.25
N LYS B 136 -21.48 3.30 -5.73
CA LYS B 136 -22.03 3.93 -6.93
C LYS B 136 -21.44 3.38 -8.24
N LEU B 137 -20.61 2.34 -8.16
CA LEU B 137 -20.09 1.68 -9.35
C LEU B 137 -20.94 0.46 -9.67
N PRO B 138 -21.30 0.27 -10.96
CA PRO B 138 -21.98 -0.96 -11.38
C PRO B 138 -21.21 -2.20 -10.92
N ASP B 139 -21.90 -3.33 -10.73
CA ASP B 139 -21.27 -4.53 -10.16
C ASP B 139 -20.03 -5.00 -10.93
N LYS B 140 -20.07 -4.92 -12.25
CA LYS B 140 -18.95 -5.41 -13.06
C LYS B 140 -17.69 -4.54 -12.99
N TYR B 141 -17.80 -3.30 -12.53
CA TYR B 141 -16.62 -2.46 -12.27
C TYR B 141 -16.23 -2.44 -10.81
N ARG B 142 -17.22 -2.41 -9.93
CA ARG B 142 -16.95 -2.54 -8.50
C ARG B 142 -16.09 -3.78 -8.19
N THR B 143 -16.45 -4.90 -8.79
CA THR B 143 -15.80 -6.17 -8.56
C THR B 143 -14.31 -6.18 -8.94
N VAL B 144 -13.97 -5.60 -10.09
CA VAL B 144 -12.57 -5.61 -10.54
C VAL B 144 -11.73 -4.59 -9.78
N ILE B 145 -12.35 -3.47 -9.40
CA ILE B 145 -11.65 -2.38 -8.73
C ILE B 145 -11.32 -2.81 -7.31
N VAL B 146 -12.28 -3.46 -6.65
CA VAL B 146 -12.08 -4.02 -5.32
C VAL B 146 -10.94 -5.06 -5.29
N LEU B 147 -11.05 -6.07 -6.16
CA LEU B 147 -10.11 -7.18 -6.19
C LEU B 147 -8.69 -6.79 -6.60
N LYS B 148 -8.58 -5.76 -7.43
CA LYS B 148 -7.28 -5.34 -8.00
C LYS B 148 -6.54 -4.29 -7.13
N TYR B 149 -7.28 -3.36 -6.54
CA TYR B 149 -6.73 -2.23 -5.80
C TYR B 149 -6.94 -2.28 -4.28
N ILE B 150 -7.83 -3.17 -3.79
CA ILE B 150 -7.96 -3.44 -2.35
C ILE B 150 -7.39 -4.81 -1.97
N ASP B 151 -7.90 -5.94 -2.50
CA ASP B 151 -7.28 -7.25 -2.25
C ASP B 151 -5.93 -7.49 -3.01
N GLU B 152 -5.48 -6.59 -3.89
CA GLU B 152 -4.16 -6.71 -4.58
C GLU B 152 -3.94 -7.99 -5.44
N LEU B 153 -5.01 -8.52 -6.03
CA LEU B 153 -4.88 -9.72 -6.87
C LEU B 153 -4.32 -9.42 -8.25
N SER B 154 -3.83 -10.46 -8.89
CA SER B 154 -3.31 -10.37 -10.25
C SER B 154 -4.44 -10.49 -11.26
N LEU B 155 -4.21 -9.96 -12.45
CA LEU B 155 -5.16 -10.06 -13.55
C LEU B 155 -5.55 -11.52 -13.81
N ILE B 156 -4.54 -12.41 -13.81
CA ILE B 156 -4.74 -13.84 -14.02
C ILE B 156 -5.73 -14.37 -12.97
N GLU B 157 -5.47 -14.13 -11.69
CA GLU B 157 -6.35 -14.64 -10.62
C GLU B 157 -7.78 -14.04 -10.71
N ILE B 158 -7.87 -12.73 -10.97
CA ILE B 158 -9.17 -12.06 -11.12
C ILE B 158 -9.97 -12.64 -12.30
N GLY B 159 -9.27 -12.88 -13.41
CA GLY B 159 -9.84 -13.61 -14.54
C GLY B 159 -10.52 -14.92 -14.17
N GLU B 160 -9.86 -15.73 -13.34
CA GLU B 160 -10.39 -17.05 -12.92
C GLU B 160 -11.55 -16.92 -11.95
N ILE B 161 -11.44 -15.98 -11.03
CA ILE B 161 -12.53 -15.69 -10.10
C ILE B 161 -13.82 -15.32 -10.86
N LEU B 162 -13.71 -14.43 -11.85
CA LEU B 162 -14.88 -13.93 -12.60
C LEU B 162 -15.18 -14.69 -13.91
N ASN B 163 -14.34 -15.68 -14.24
CA ASN B 163 -14.53 -16.55 -15.40
C ASN B 163 -14.60 -15.72 -16.69
N ILE B 164 -13.53 -14.98 -16.93
CA ILE B 164 -13.40 -14.10 -18.09
C ILE B 164 -11.93 -14.00 -18.44
N PRO B 165 -11.63 -13.78 -19.73
CA PRO B 165 -10.22 -13.69 -20.08
C PRO B 165 -9.57 -12.43 -19.53
N VAL B 166 -8.26 -12.50 -19.35
CA VAL B 166 -7.43 -11.40 -18.87
C VAL B 166 -7.72 -10.05 -19.55
N GLY B 167 -7.93 -10.08 -20.87
CA GLY B 167 -8.21 -8.88 -21.65
C GLY B 167 -9.48 -8.18 -21.22
N THR B 168 -10.51 -8.95 -20.85
CA THR B 168 -11.77 -8.39 -20.37
C THR B 168 -11.58 -7.78 -19.00
N VAL B 169 -10.72 -8.43 -18.19
CA VAL B 169 -10.36 -7.92 -16.87
C VAL B 169 -9.73 -6.54 -17.03
N LYS B 170 -8.83 -6.38 -18.00
CA LYS B 170 -8.16 -5.10 -18.21
C LYS B 170 -9.12 -4.03 -18.65
N THR B 171 -9.97 -4.34 -19.62
CA THR B 171 -10.94 -3.33 -20.11
C THR B 171 -11.94 -2.95 -19.01
N ARG B 172 -12.27 -3.87 -18.09
CA ARG B 172 -13.18 -3.55 -16.99
C ARG B 172 -12.54 -2.65 -15.97
N ILE B 173 -11.29 -2.95 -15.60
CA ILE B 173 -10.50 -2.06 -14.77
C ILE B 173 -10.42 -0.66 -15.43
N HIS B 174 -10.07 -0.61 -16.70
CA HIS B 174 -10.04 0.68 -17.45
C HIS B 174 -11.32 1.54 -17.28
N ARG B 175 -12.48 0.93 -17.48
CA ARG B 175 -13.77 1.60 -17.31
C ARG B 175 -14.07 1.85 -15.82
N GLY B 176 -13.70 0.91 -14.98
CA GLY B 176 -13.80 1.06 -13.52
C GLY B 176 -13.04 2.27 -12.99
N ARG B 177 -11.82 2.46 -13.51
CA ARG B 177 -11.06 3.68 -13.23
C ARG B 177 -11.82 4.95 -13.61
N GLU B 178 -12.41 4.99 -14.81
CA GLU B 178 -13.10 6.19 -15.32
C GLU B 178 -14.33 6.55 -14.47
N ALA B 179 -15.05 5.55 -14.01
CA ALA B 179 -16.21 5.76 -13.13
C ALA B 179 -15.79 6.23 -11.76
N LEU B 180 -14.71 5.64 -11.26
CA LEU B 180 -14.13 5.95 -9.95
C LEU B 180 -13.60 7.39 -9.92
N ARG B 181 -12.97 7.83 -11.00
CA ARG B 181 -12.51 9.23 -11.17
C ARG B 181 -13.58 10.24 -10.86
N LYS B 182 -14.74 10.05 -11.48
CA LYS B 182 -15.91 10.91 -11.26
C LYS B 182 -16.31 10.97 -9.77
N GLN B 183 -16.25 9.82 -9.10
CA GLN B 183 -16.70 9.71 -7.70
C GLN B 183 -15.73 10.28 -6.65
N LEU B 184 -14.42 10.19 -6.91
CA LEU B 184 -13.39 10.44 -5.89
C LEU B 184 -12.51 11.70 -6.06
N ARG B 185 -12.59 12.35 -7.23
CA ARG B 185 -11.71 13.50 -7.54
C ARG B 185 -11.87 14.71 -6.64
N ASP B 186 -13.05 14.86 -6.03
CA ASP B 186 -13.36 15.98 -5.14
C ASP B 186 -13.10 15.72 -3.65
N LEU B 187 -12.75 14.48 -3.28
CA LEU B 187 -12.42 14.18 -1.89
C LEU B 187 -11.19 14.95 -1.41
N CYS C 3 -14.02 22.02 23.59
CA CYS C 3 -13.16 21.09 22.77
C CYS C 3 -11.93 20.67 23.58
N PRO C 4 -11.84 19.37 23.98
CA PRO C 4 -10.65 18.95 24.75
C PRO C 4 -9.37 19.02 23.93
N GLU C 5 -8.38 19.73 24.46
CA GLU C 5 -7.07 19.93 23.79
C GLU C 5 -6.31 18.59 23.69
N GLN C 6 -6.65 17.66 24.59
CA GLN C 6 -6.32 16.23 24.52
C GLN C 6 -6.60 15.52 23.19
N ILE C 7 -7.65 15.92 22.45
CA ILE C 7 -8.19 15.09 21.35
C ILE C 7 -7.24 14.76 20.19
N VAL C 8 -6.39 15.70 19.79
CA VAL C 8 -5.41 15.43 18.71
C VAL C 8 -4.40 14.33 19.09
N GLN C 9 -4.08 14.22 20.38
CA GLN C 9 -3.28 13.11 20.93
C GLN C 9 -4.01 11.77 20.73
N LEU C 10 -5.33 11.79 20.83
CA LEU C 10 -6.16 10.62 20.53
C LEU C 10 -6.13 10.31 19.02
N MET C 11 -6.31 11.34 18.19
CA MET C 11 -6.18 11.21 16.72
C MET C 11 -4.86 10.54 16.34
N HIS C 12 -3.77 10.93 17.01
CA HIS C 12 -2.44 10.39 16.73
C HIS C 12 -2.21 8.96 17.25
N MET C 13 -2.73 8.64 18.43
CA MET C 13 -2.64 7.28 18.96
C MET C 13 -3.40 6.29 18.10
N HIS C 14 -4.56 6.70 17.59
CA HIS C 14 -5.31 5.93 16.59
C HIS C 14 -4.40 5.57 15.42
N LEU C 15 -3.87 6.60 14.76
CA LEU C 15 -3.04 6.40 13.56
C LEU C 15 -1.76 5.61 13.82
N ASP C 16 -1.22 5.66 15.04
CA ASP C 16 -0.10 4.80 15.45
C ASP C 16 -0.45 3.31 15.53
N GLY C 17 -1.75 2.94 15.55
CA GLY C 17 -2.16 1.57 15.84
C GLY C 17 -1.99 1.28 17.32
N ASP C 18 -2.01 2.34 18.11
CA ASP C 18 -1.62 2.33 19.51
C ASP C 18 -2.78 2.59 20.48
N ILE C 19 -3.90 3.09 19.97
CA ILE C 19 -5.05 3.52 20.79
C ILE C 19 -5.51 2.42 21.76
N LEU C 20 -5.91 2.84 22.96
CA LEU C 20 -6.52 1.95 23.95
C LEU C 20 -7.95 1.62 23.51
N PRO C 21 -8.48 0.43 23.88
CA PRO C 21 -9.87 0.13 23.52
C PRO C 21 -10.85 1.13 24.13
N LYS C 22 -10.55 1.56 25.35
CA LYS C 22 -11.33 2.58 26.06
C LYS C 22 -11.24 3.95 25.37
N ASP C 23 -10.01 4.37 25.03
CA ASP C 23 -9.75 5.66 24.38
C ASP C 23 -10.31 5.76 22.96
N GLU C 24 -10.47 4.62 22.29
CA GLU C 24 -11.03 4.60 20.94
C GLU C 24 -12.50 5.02 20.94
N HIS C 25 -13.28 4.49 21.89
CA HIS C 25 -14.71 4.86 22.06
C HIS C 25 -14.90 6.36 22.36
N VAL C 26 -14.01 6.92 23.18
CA VAL C 26 -14.05 8.35 23.52
C VAL C 26 -13.78 9.22 22.28
N LEU C 27 -12.75 8.86 21.52
CA LEU C 27 -12.41 9.53 20.26
C LEU C 27 -13.57 9.49 19.25
N ASN C 28 -14.14 8.30 19.05
CA ASN C 28 -15.29 8.12 18.14
C ASN C 28 -16.50 8.97 18.52
N GLU C 29 -16.77 9.08 19.82
CA GLU C 29 -17.86 9.91 20.34
C GLU C 29 -17.67 11.40 20.00
N HIS C 30 -16.42 11.89 20.06
CA HIS C 30 -16.15 13.32 19.83
C HIS C 30 -16.17 13.69 18.36
N LEU C 31 -15.55 12.86 17.52
CA LEU C 31 -15.57 13.07 16.07
C LEU C 31 -17.01 13.22 15.58
N GLU C 32 -17.90 12.35 16.07
CA GLU C 32 -19.31 12.34 15.67
C GLU C 32 -20.06 13.66 15.98
N THR C 33 -19.69 14.34 17.06
CA THR C 33 -20.35 15.60 17.47
C THR C 33 -19.48 16.85 17.25
N CYS C 34 -18.44 16.76 16.41
CA CYS C 34 -17.50 17.87 16.20
C CYS C 34 -17.02 17.93 14.75
N GLU C 35 -17.66 18.81 13.98
CA GLU C 35 -17.34 19.05 12.56
C GLU C 35 -15.89 19.53 12.32
N LYS C 36 -15.28 20.22 13.29
CA LYS C 36 -13.88 20.66 13.16
C LYS C 36 -12.83 19.54 13.44
N CYS C 37 -13.18 18.61 14.33
CA CYS C 37 -12.33 17.46 14.67
C CYS C 37 -12.51 16.26 13.73
N ARG C 38 -13.63 16.18 13.02
CA ARG C 38 -13.74 15.25 11.88
C ARG C 38 -12.89 15.78 10.75
N LYS C 39 -13.02 17.07 10.45
CA LYS C 39 -12.28 17.72 9.35
C LYS C 39 -10.76 17.64 9.54
N HIS C 40 -10.30 17.83 10.77
CA HIS C 40 -8.88 17.70 11.11
C HIS C 40 -8.40 16.25 10.91
N PHE C 41 -9.18 15.31 11.44
CA PHE C 41 -8.83 13.90 11.34
C PHE C 41 -8.99 13.36 9.91
N TYR C 42 -9.94 13.92 9.15
CA TYR C 42 -10.12 13.57 7.73
C TYR C 42 -8.94 14.12 6.90
N GLU C 43 -8.43 15.28 7.27
CA GLU C 43 -7.31 15.89 6.55
C GLU C 43 -5.96 15.16 6.73
N MET C 44 -5.69 14.62 7.92
CA MET C 44 -4.50 13.78 8.14
C MET C 44 -4.58 12.44 7.43
N GLU C 45 -5.75 11.80 7.44
CA GLU C 45 -5.94 10.51 6.76
C GLU C 45 -5.75 10.63 5.26
N LYS C 46 -6.25 11.72 4.70
CA LYS C 46 -6.10 12.01 3.28
C LYS C 46 -4.64 12.18 2.92
N SER C 47 -3.92 12.90 3.76
CA SER C 47 -2.51 13.23 3.52
C SER C 47 -1.64 11.99 3.60
N ILE C 48 -1.88 11.16 4.61
CA ILE C 48 -1.26 9.85 4.77
C ILE C 48 -1.49 9.00 3.51
N ALA C 49 -2.75 8.96 3.07
CA ALA C 49 -3.12 8.17 1.92
C ALA C 49 -2.35 8.63 0.68
N LEU C 50 -2.22 9.95 0.53
CA LEU C 50 -1.54 10.50 -0.63
C LEU C 50 0.00 10.25 -0.65
N VAL C 51 0.67 10.27 0.52
CA VAL C 51 2.12 9.95 0.60
C VAL C 51 2.40 8.46 0.54
N ARG C 52 1.43 7.63 0.91
CA ARG C 52 1.52 6.17 0.66
C ARG C 52 1.45 5.82 -0.82
N SER C 53 0.86 6.67 -1.66
CA SER C 53 0.76 6.42 -3.10
C SER C 53 2.03 6.81 -3.88
N THR C 54 3.16 6.94 -3.18
CA THR C 54 4.43 7.33 -3.76
C THR C 54 5.53 6.31 -3.35
N SER C 55 5.12 5.06 -3.05
CA SER C 55 6.02 3.94 -2.72
C SER C 55 6.43 3.08 -3.94
N HIS C 56 6.49 3.70 -5.12
CA HIS C 56 6.70 2.97 -6.39
C HIS C 56 8.10 3.12 -6.99
N VAL C 57 9.00 3.86 -6.33
CA VAL C 57 10.31 4.19 -6.90
C VAL C 57 11.23 2.98 -6.90
N GLU C 58 11.92 2.80 -8.01
CA GLU C 58 12.90 1.73 -8.16
C GLU C 58 14.18 2.28 -8.76
N ALA C 59 15.28 1.59 -8.49
CA ALA C 59 16.62 2.03 -8.83
C ALA C 59 16.75 2.09 -10.33
N PRO C 60 17.49 3.09 -10.86
CA PRO C 60 17.67 3.19 -12.30
C PRO C 60 18.33 1.95 -12.92
N ALA C 61 18.26 1.87 -14.25
CA ALA C 61 18.90 0.78 -15.02
C ALA C 61 20.38 0.65 -14.69
N ASP C 62 20.88 -0.59 -14.64
CA ASP C 62 22.29 -0.88 -14.39
C ASP C 62 22.85 -0.23 -13.10
N PHE C 63 22.02 -0.11 -12.06
CA PHE C 63 22.45 0.51 -10.79
C PHE C 63 23.54 -0.32 -10.12
N THR C 64 23.32 -1.64 -10.08
CA THR C 64 24.26 -2.57 -9.45
C THR C 64 25.60 -2.53 -10.16
N ALA C 65 25.58 -2.62 -11.48
CA ALA C 65 26.81 -2.58 -12.29
C ALA C 65 27.65 -1.33 -12.02
N ASN C 66 26.98 -0.19 -11.85
CA ASN C 66 27.66 1.07 -11.53
C ASN C 66 28.36 1.04 -10.16
N VAL C 67 27.66 0.50 -9.15
CA VAL C 67 28.19 0.39 -7.79
C VAL C 67 29.45 -0.48 -7.78
N MET C 68 29.41 -1.61 -8.48
CA MET C 68 30.51 -2.61 -8.47
C MET C 68 31.79 -2.09 -9.11
N ALA C 69 31.68 -1.27 -10.17
CA ALA C 69 32.84 -0.61 -10.78
C ALA C 69 33.46 0.47 -9.87
N LYS C 70 32.63 1.12 -9.05
CA LYS C 70 33.09 2.16 -8.12
C LYS C 70 33.83 1.60 -6.88
N LEU C 71 33.73 0.29 -6.61
CA LEU C 71 34.33 -0.30 -5.42
C LEU C 71 35.86 -0.41 -5.54
N PRO C 72 36.58 -0.33 -4.42
CA PRO C 72 38.03 -0.63 -4.46
C PRO C 72 38.31 -2.11 -4.64
N CYS D 3 -5.00 17.48 -28.76
CA CYS D 3 -5.24 16.17 -28.08
C CYS D 3 -5.07 14.97 -29.02
N PRO D 4 -4.11 14.06 -28.71
CA PRO D 4 -4.08 12.76 -29.41
C PRO D 4 -5.36 11.95 -29.24
N GLU D 5 -5.71 11.18 -30.26
CA GLU D 5 -7.01 10.48 -30.32
C GLU D 5 -7.08 9.33 -29.30
N GLN D 6 -5.92 8.70 -29.09
CA GLN D 6 -5.74 7.53 -28.21
C GLN D 6 -5.22 7.88 -26.82
N ILE D 7 -5.34 9.15 -26.42
CA ILE D 7 -4.65 9.66 -25.24
C ILE D 7 -5.12 9.03 -23.92
N VAL D 8 -6.43 8.84 -23.78
CA VAL D 8 -7.01 8.14 -22.63
C VAL D 8 -6.61 6.67 -22.60
N GLN D 9 -6.38 6.05 -23.76
CA GLN D 9 -5.96 4.64 -23.78
C GLN D 9 -4.52 4.55 -23.27
N LEU D 10 -3.67 5.50 -23.66
CA LEU D 10 -2.27 5.54 -23.17
C LEU D 10 -2.18 5.77 -21.66
N MET D 11 -3.00 6.66 -21.12
CA MET D 11 -3.16 6.80 -19.67
C MET D 11 -3.39 5.47 -18.95
N HIS D 12 -4.24 4.62 -19.50
CA HIS D 12 -4.54 3.31 -18.89
C HIS D 12 -3.43 2.27 -19.07
N MET D 13 -2.74 2.30 -20.20
CA MET D 13 -1.56 1.42 -20.41
C MET D 13 -0.45 1.80 -19.42
N HIS D 14 -0.36 3.08 -19.05
CA HIS D 14 0.59 3.53 -18.05
C HIS D 14 0.25 3.02 -16.64
N LEU D 15 -1.02 3.11 -16.25
CA LEU D 15 -1.48 2.59 -14.95
C LEU D 15 -1.52 1.06 -14.86
N ASP D 16 -1.52 0.35 -15.99
CA ASP D 16 -1.37 -1.11 -15.99
C ASP D 16 0.09 -1.55 -15.76
N GLY D 17 1.04 -0.66 -15.99
CA GLY D 17 2.46 -1.00 -16.03
C GLY D 17 2.91 -1.58 -17.35
N ASP D 18 2.06 -1.52 -18.38
CA ASP D 18 2.29 -2.19 -19.69
C ASP D 18 2.75 -1.28 -20.83
N ILE D 19 2.66 0.04 -20.65
CA ILE D 19 3.00 1.01 -21.71
C ILE D 19 4.40 0.81 -22.28
N LEU D 20 4.53 0.86 -23.60
CA LEU D 20 5.85 0.70 -24.25
C LEU D 20 6.67 1.99 -24.12
N PRO D 21 8.02 1.89 -24.03
CA PRO D 21 8.91 3.05 -23.88
C PRO D 21 8.54 4.28 -24.72
N LYS D 22 8.21 4.09 -26.00
CA LYS D 22 7.83 5.23 -26.85
C LYS D 22 6.48 5.85 -26.47
N ASP D 23 5.51 5.00 -26.13
CA ASP D 23 4.17 5.45 -25.73
C ASP D 23 4.18 6.31 -24.45
N GLU D 24 5.08 5.99 -23.50
CA GLU D 24 5.22 6.78 -22.27
C GLU D 24 5.70 8.21 -22.55
N HIS D 25 6.62 8.35 -23.52
CA HIS D 25 7.12 9.68 -23.96
C HIS D 25 6.02 10.51 -24.63
N VAL D 26 5.26 9.88 -25.54
CA VAL D 26 4.09 10.52 -26.19
C VAL D 26 3.15 11.08 -25.13
N LEU D 27 2.84 10.22 -24.15
CA LEU D 27 1.95 10.53 -23.04
C LEU D 27 2.44 11.71 -22.16
N ASN D 28 3.69 11.67 -21.70
CA ASN D 28 4.22 12.74 -20.80
C ASN D 28 4.35 14.12 -21.49
N GLU D 29 4.78 14.14 -22.75
CA GLU D 29 4.84 15.38 -23.56
C GLU D 29 3.50 16.10 -23.60
N HIS D 30 2.44 15.37 -23.90
CA HIS D 30 1.11 15.96 -23.98
C HIS D 30 0.61 16.44 -22.62
N LEU D 31 0.99 15.74 -21.55
CA LEU D 31 0.59 16.14 -20.19
C LEU D 31 1.26 17.44 -19.72
N GLU D 32 2.52 17.69 -20.11
CA GLU D 32 3.16 19.00 -19.87
C GLU D 32 2.43 20.12 -20.61
N THR D 33 1.99 19.81 -21.82
CA THR D 33 1.27 20.73 -22.70
C THR D 33 -0.18 20.99 -22.26
N CYS D 34 -0.95 19.91 -22.04
CA CYS D 34 -2.40 20.01 -21.88
C CYS D 34 -2.86 19.98 -20.42
N GLU D 35 -3.42 21.08 -19.93
CA GLU D 35 -3.96 21.12 -18.57
C GLU D 35 -5.13 20.13 -18.33
N LYS D 36 -6.03 19.97 -19.30
CA LYS D 36 -7.22 19.11 -19.11
C LYS D 36 -6.96 17.60 -19.15
N CYS D 37 -5.94 17.18 -19.89
CA CYS D 37 -5.43 15.81 -19.81
C CYS D 37 -4.68 15.57 -18.50
N ARG D 38 -3.76 16.46 -18.17
CA ARG D 38 -3.03 16.41 -16.90
C ARG D 38 -3.97 16.41 -15.69
N LYS D 39 -5.03 17.20 -15.77
CA LYS D 39 -6.13 17.20 -14.81
C LYS D 39 -6.83 15.83 -14.77
N HIS D 40 -7.19 15.32 -15.95
CA HIS D 40 -7.91 14.05 -16.07
C HIS D 40 -7.10 12.87 -15.49
N PHE D 41 -5.80 12.86 -15.76
CA PHE D 41 -4.87 11.84 -15.26
C PHE D 41 -4.61 11.95 -13.75
N TYR D 42 -4.49 13.19 -13.27
CA TYR D 42 -4.36 13.47 -11.82
C TYR D 42 -5.56 12.91 -11.07
N GLU D 43 -6.76 13.24 -11.56
CA GLU D 43 -8.04 12.78 -10.99
C GLU D 43 -8.16 11.25 -10.98
N MET D 44 -7.62 10.61 -12.01
CA MET D 44 -7.51 9.14 -12.07
C MET D 44 -6.55 8.61 -11.02
N GLU D 45 -5.41 9.27 -10.86
CA GLU D 45 -4.41 8.84 -9.88
C GLU D 45 -4.77 9.05 -8.42
N LYS D 46 -5.42 10.15 -8.07
CA LYS D 46 -5.81 10.36 -6.66
C LYS D 46 -6.99 9.47 -6.29
N SER D 47 -7.80 9.09 -7.28
CA SER D 47 -8.87 8.13 -7.06
C SER D 47 -8.28 6.78 -6.68
N ILE D 48 -7.31 6.34 -7.47
CA ILE D 48 -6.55 5.11 -7.20
C ILE D 48 -5.83 5.17 -5.86
N ALA D 49 -5.16 6.28 -5.58
CA ALA D 49 -4.56 6.45 -4.27
C ALA D 49 -5.59 6.34 -3.11
N LEU D 50 -6.75 6.97 -3.27
CA LEU D 50 -7.78 6.96 -2.23
C LEU D 50 -8.45 5.59 -2.08
N VAL D 51 -8.68 4.89 -3.19
CA VAL D 51 -9.18 3.51 -3.13
C VAL D 51 -8.19 2.60 -2.41
N ARG D 52 -6.90 2.77 -2.66
CA ARG D 52 -5.88 1.97 -1.97
C ARG D 52 -5.77 2.17 -0.47
N SER D 53 -6.29 3.28 0.06
CA SER D 53 -6.23 3.57 1.50
C SER D 53 -7.40 2.98 2.29
N THR D 54 -8.23 2.16 1.63
CA THR D 54 -9.31 1.43 2.30
C THR D 54 -9.08 -0.10 2.29
N SER D 55 -7.85 -0.52 2.62
CA SER D 55 -7.42 -1.94 2.72
C SER D 55 -7.12 -2.32 4.19
N HIS D 56 -8.14 -2.23 5.05
CA HIS D 56 -7.95 -2.39 6.51
C HIS D 56 -8.99 -3.20 7.29
N VAL D 57 -9.99 -3.77 6.64
CA VAL D 57 -11.14 -4.36 7.36
C VAL D 57 -10.84 -5.80 7.79
N GLU D 58 -11.40 -6.19 8.93
CA GLU D 58 -11.19 -7.50 9.53
C GLU D 58 -12.50 -8.12 10.05
N ALA D 59 -12.56 -9.44 10.02
CA ALA D 59 -13.79 -10.17 10.35
C ALA D 59 -14.12 -10.04 11.84
N PRO D 60 -15.35 -9.61 12.19
CA PRO D 60 -15.72 -9.49 13.61
C PRO D 60 -15.47 -10.76 14.42
N ALA D 61 -15.30 -10.61 15.74
CA ALA D 61 -14.90 -11.73 16.61
C ALA D 61 -15.98 -12.82 16.66
N ASP D 62 -15.52 -14.05 16.88
CA ASP D 62 -16.35 -15.27 16.83
C ASP D 62 -17.06 -15.47 15.47
N PHE D 63 -16.47 -14.92 14.39
CA PHE D 63 -16.93 -15.16 13.02
C PHE D 63 -16.74 -16.63 12.74
N THR D 64 -15.52 -17.11 12.96
CA THR D 64 -15.17 -18.51 12.70
C THR D 64 -15.96 -19.49 13.58
N ALA D 65 -16.21 -19.11 14.83
CA ALA D 65 -17.05 -19.92 15.72
C ALA D 65 -18.49 -19.96 15.19
N ASN D 66 -19.00 -18.80 14.79
CA ASN D 66 -20.37 -18.72 14.26
C ASN D 66 -20.54 -19.42 12.90
N VAL D 67 -19.48 -19.45 12.08
CA VAL D 67 -19.51 -20.24 10.84
C VAL D 67 -19.71 -21.73 11.18
N MET D 68 -18.89 -22.24 12.11
CA MET D 68 -18.96 -23.65 12.52
C MET D 68 -20.35 -24.02 13.08
N ALA D 69 -21.01 -23.06 13.74
CA ALA D 69 -22.37 -23.22 14.27
C ALA D 69 -23.50 -23.07 13.21
N LYS D 70 -23.16 -23.17 11.92
CA LYS D 70 -24.13 -23.27 10.84
C LYS D 70 -23.87 -24.42 9.84
N LEU D 71 -22.88 -25.28 10.11
CA LEU D 71 -22.55 -26.40 9.21
C LEU D 71 -23.57 -27.53 9.36
ZN ZN E . -13.52 19.15 18.45
ZN ZN F . -5.29 17.04 -23.91
#